data_3BK3
#
_entry.id   3BK3
#
_cell.length_a   83.750
_cell.length_b   83.750
_cell.length_c   139.850
_cell.angle_alpha   90.00
_cell.angle_beta   90.00
_cell.angle_gamma   90.00
#
_symmetry.space_group_name_H-M   'I 41'
#
loop_
_entity.id
_entity.type
_entity.pdbx_description
1 polymer 'Bone morphogenetic protein 2'
2 polymer 'Crossveinless 2'
3 water water
#
loop_
_entity_poly.entity_id
_entity_poly.type
_entity_poly.pdbx_seq_one_letter_code
_entity_poly.pdbx_strand_id
1 'polypeptide(L)'
;QAKHKQRKRLKSSCKRHPLYVDFSDVGWNDWIVAPPGYHAMYCHGECPFPLADHLNSTNHAIVQTLVNSVNSKIPKACCV
PTELSAISMLMLDENEKVVLKNYQDMVVEGCGCR
;
A,B
2 'polypeptide(L)' WLITGTEASCENEGEVLHIPNITDNPCISCVCLNQKAECKQEKCAPLAEDCALVVKQTGACCEKCKG C,D
#
# COMPACT_ATOMS: atom_id res chain seq x y z
N LYS A 11 -13.68 13.47 -11.66
CA LYS A 11 -14.86 14.04 -10.92
C LYS A 11 -14.87 13.60 -9.45
N SER A 12 -15.54 12.50 -9.12
CA SER A 12 -15.60 12.07 -7.72
C SER A 12 -14.24 11.66 -7.13
N SER A 13 -14.03 11.99 -5.86
CA SER A 13 -12.71 11.81 -5.22
C SER A 13 -12.55 10.51 -4.46
N CYS A 14 -11.31 10.09 -4.26
CA CYS A 14 -11.00 8.83 -3.59
C CYS A 14 -11.80 8.58 -2.31
N LYS A 15 -12.27 7.36 -2.13
CA LYS A 15 -13.35 7.10 -1.18
C LYS A 15 -13.53 5.58 -1.12
N ARG A 16 -14.00 5.05 0.01
CA ARG A 16 -14.41 3.66 0.10
C ARG A 16 -15.83 3.53 -0.46
N HIS A 17 -16.16 2.34 -0.98
CA HIS A 17 -17.47 2.09 -1.59
C HIS A 17 -17.98 0.72 -1.18
N PRO A 18 -19.30 0.55 -1.08
CA PRO A 18 -19.85 -0.77 -0.82
C PRO A 18 -19.50 -1.79 -1.91
N LEU A 19 -19.31 -3.04 -1.48
CA LEU A 19 -19.22 -4.17 -2.37
C LEU A 19 -19.39 -5.46 -1.57
N TYR A 20 -20.42 -6.22 -1.94
CA TYR A 20 -20.59 -7.52 -1.35
C TYR A 20 -20.06 -8.57 -2.30
N VAL A 21 -19.24 -9.46 -1.81
CA VAL A 21 -18.62 -10.47 -2.65
C VAL A 21 -19.23 -11.79 -2.31
N ASP A 22 -19.76 -12.47 -3.33
CA ASP A 22 -20.47 -13.74 -3.15
C ASP A 22 -19.68 -14.90 -3.74
N PHE A 23 -19.23 -15.83 -2.92
CA PHE A 23 -18.28 -16.80 -3.40
C PHE A 23 -18.77 -17.74 -4.50
N SER A 24 -20.05 -18.04 -4.52
CA SER A 24 -20.57 -18.84 -5.61
C SER A 24 -20.41 -18.13 -6.90
N ASP A 25 -20.53 -16.81 -6.87
CA ASP A 25 -20.57 -16.05 -8.10
C ASP A 25 -19.19 -15.97 -8.63
N VAL A 26 -18.24 -16.05 -7.71
CA VAL A 26 -16.83 -15.96 -8.02
C VAL A 26 -16.20 -17.31 -8.39
N GLY A 27 -16.91 -18.37 -8.10
CA GLY A 27 -16.44 -19.70 -8.47
C GLY A 27 -15.76 -20.45 -7.35
N TRP A 28 -15.86 -19.94 -6.13
CA TRP A 28 -15.11 -20.55 -5.07
C TRP A 28 -15.91 -21.43 -4.17
N ASN A 29 -17.23 -21.42 -4.28
CA ASN A 29 -18.07 -22.22 -3.38
C ASN A 29 -17.52 -23.62 -3.18
N ASP A 30 -16.83 -24.16 -4.17
CA ASP A 30 -16.39 -25.55 -4.11
C ASP A 30 -15.19 -25.81 -3.22
N TRP A 31 -14.48 -24.79 -2.78
CA TRP A 31 -13.41 -25.00 -1.80
C TRP A 31 -13.60 -24.20 -0.52
N ILE A 32 -14.47 -23.23 -0.55
CA ILE A 32 -14.78 -22.47 0.62
C ILE A 32 -16.14 -22.91 1.09
N VAL A 33 -16.21 -23.55 2.25
CA VAL A 33 -17.47 -24.05 2.71
C VAL A 33 -18.23 -22.96 3.47
N ALA A 34 -17.50 -21.98 4.01
CA ALA A 34 -18.12 -20.90 4.76
C ALA A 34 -17.12 -19.80 4.95
N PRO A 35 -17.57 -18.53 4.87
CA PRO A 35 -18.92 -18.03 4.69
C PRO A 35 -19.35 -18.12 3.24
N PRO A 36 -20.64 -17.89 2.96
CA PRO A 36 -21.06 -17.93 1.56
C PRO A 36 -20.60 -16.68 0.81
N GLY A 37 -20.15 -15.66 1.54
CA GLY A 37 -19.68 -14.40 0.97
C GLY A 37 -19.33 -13.40 2.07
N TYR A 38 -19.02 -12.15 1.70
CA TYR A 38 -18.74 -11.12 2.70
C TYR A 38 -18.61 -9.73 2.06
N HIS A 39 -18.69 -8.71 2.91
CA HIS A 39 -18.58 -7.33 2.49
C HIS A 39 -17.12 -6.91 2.40
N ALA A 40 -16.58 -6.97 1.20
CA ALA A 40 -15.20 -6.59 0.98
C ALA A 40 -15.03 -5.09 0.85
N MET A 41 -16.05 -4.39 0.37
CA MET A 41 -15.89 -2.99 -0.01
C MET A 41 -14.75 -2.80 -1.02
N TYR A 42 -14.65 -1.61 -1.58
CA TYR A 42 -13.51 -1.26 -2.44
C TYR A 42 -13.26 0.24 -2.49
N CYS A 43 -12.18 0.61 -3.18
CA CYS A 43 -11.74 1.96 -3.24
C CYS A 43 -11.86 2.45 -4.65
N HIS A 44 -12.41 3.65 -4.79
CA HIS A 44 -12.46 4.30 -6.07
C HIS A 44 -12.55 5.81 -5.92
N GLY A 45 -11.98 6.52 -6.89
CA GLY A 45 -12.08 7.97 -7.00
C GLY A 45 -10.77 8.62 -7.38
N GLU A 46 -10.83 9.89 -7.75
CA GLU A 46 -9.66 10.56 -8.27
C GLU A 46 -8.76 10.95 -7.11
N CYS A 47 -7.46 11.03 -7.37
CA CYS A 47 -6.51 11.64 -6.44
C CYS A 47 -6.09 12.95 -7.09
N PRO A 48 -6.67 14.07 -6.64
CA PRO A 48 -6.72 15.24 -7.48
C PRO A 48 -5.58 16.20 -7.31
N PHE A 49 -5.62 17.21 -8.17
CA PHE A 49 -4.77 18.35 -8.03
C PHE A 49 -5.64 19.54 -8.27
N PRO A 50 -5.67 20.49 -7.34
CA PRO A 50 -4.99 20.60 -6.06
C PRO A 50 -5.16 19.38 -5.15
N LEU A 51 -4.15 19.09 -4.35
CA LEU A 51 -4.29 18.04 -3.37
C LEU A 51 -5.50 18.37 -2.54
N ALA A 52 -6.13 17.31 -2.04
CA ALA A 52 -7.26 17.44 -1.13
C ALA A 52 -6.75 17.17 0.27
N ASP A 53 -6.85 18.16 1.14
CA ASP A 53 -6.33 18.04 2.47
C ASP A 53 -6.80 16.79 3.21
N HIS A 54 -8.03 16.37 3.00
CA HIS A 54 -8.57 15.25 3.77
C HIS A 54 -8.10 13.85 3.32
N LEU A 55 -7.35 13.77 2.24
CA LEU A 55 -7.00 12.49 1.68
C LEU A 55 -5.63 12.04 2.16
N ASN A 56 -5.49 10.75 2.45
CA ASN A 56 -4.23 10.17 2.90
C ASN A 56 -3.32 9.87 1.73
N SER A 57 -2.18 10.54 1.60
CA SER A 57 -1.27 10.23 0.50
C SER A 57 0.17 10.16 0.96
N THR A 58 0.93 9.21 0.45
CA THR A 58 2.34 9.14 0.78
C THR A 58 3.06 10.29 0.11
N ASN A 59 4.26 10.59 0.59
CA ASN A 59 5.06 11.58 -0.06
C ASN A 59 5.15 11.28 -1.55
N HIS A 60 5.57 10.08 -1.86
CA HIS A 60 5.69 9.76 -3.27
C HIS A 60 4.43 10.13 -4.02
N ALA A 61 3.26 9.90 -3.44
CA ALA A 61 2.00 10.16 -4.15
C ALA A 61 1.86 11.63 -4.44
N ILE A 62 2.27 12.45 -3.47
CA ILE A 62 2.22 13.88 -3.62
C ILE A 62 3.18 14.25 -4.72
N VAL A 63 4.41 13.78 -4.63
CA VAL A 63 5.33 14.10 -5.71
C VAL A 63 4.68 13.70 -7.03
N GLN A 64 4.10 12.52 -7.10
CA GLN A 64 3.64 12.07 -8.40
C GLN A 64 2.46 12.90 -8.90
N THR A 65 1.61 13.38 -8.01
CA THR A 65 0.51 14.24 -8.40
C THR A 65 1.05 15.49 -9.09
N LEU A 66 2.05 16.09 -8.46
CA LEU A 66 2.71 17.27 -9.04
C LEU A 66 3.31 17.01 -10.37
N VAL A 67 3.97 15.87 -10.54
CA VAL A 67 4.56 15.57 -11.84
C VAL A 67 3.49 15.43 -12.90
N ASN A 68 2.37 14.85 -12.50
CA ASN A 68 1.28 14.60 -13.41
C ASN A 68 0.71 15.89 -13.90
N SER A 69 0.82 16.92 -13.07
CA SER A 69 0.12 18.15 -13.32
C SER A 69 0.76 18.87 -14.48
N VAL A 70 2.02 18.54 -14.75
CA VAL A 70 2.72 19.07 -15.92
C VAL A 70 3.15 18.02 -16.94
N ASN A 71 3.33 16.77 -16.56
CA ASN A 71 3.63 15.76 -17.57
C ASN A 71 2.61 14.65 -17.56
N SER A 72 1.58 14.73 -18.39
CA SER A 72 0.45 13.87 -18.12
C SER A 72 0.63 12.47 -18.67
N LYS A 73 1.82 12.13 -19.13
CA LYS A 73 2.10 10.73 -19.45
C LYS A 73 2.51 10.03 -18.18
N ILE A 74 2.57 10.76 -17.07
CA ILE A 74 2.78 10.17 -15.78
C ILE A 74 1.43 10.20 -15.02
N PRO A 75 0.92 9.02 -14.66
CA PRO A 75 -0.43 8.94 -14.11
C PRO A 75 -0.59 9.59 -12.75
N LYS A 76 -1.82 9.99 -12.42
CA LYS A 76 -2.09 10.48 -11.08
C LYS A 76 -1.90 9.33 -10.12
N ALA A 77 -1.83 9.61 -8.84
CA ALA A 77 -1.71 8.53 -7.90
C ALA A 77 -3.01 7.73 -7.90
N CYS A 78 -2.93 6.50 -7.47
CA CYS A 78 -4.06 5.63 -7.54
C CYS A 78 -4.77 5.56 -6.21
N CYS A 79 -6.09 5.43 -6.21
CA CYS A 79 -6.86 5.29 -4.98
C CYS A 79 -6.98 3.82 -4.61
N VAL A 80 -6.33 3.40 -3.53
CA VAL A 80 -6.28 2.00 -3.22
C VAL A 80 -6.53 1.79 -1.74
N PRO A 81 -6.78 0.54 -1.33
CA PRO A 81 -6.96 0.25 0.07
C PRO A 81 -5.70 0.53 0.86
N THR A 82 -5.90 1.06 2.06
CA THR A 82 -4.89 1.69 2.85
C THR A 82 -4.92 1.17 4.32
N GLU A 83 -6.08 0.74 4.76
CA GLU A 83 -6.21 -0.10 5.94
C GLU A 83 -7.14 -1.23 5.58
N LEU A 84 -6.72 -2.46 5.83
CA LEU A 84 -7.54 -3.62 5.56
C LEU A 84 -7.73 -4.41 6.83
N SER A 85 -8.69 -5.34 6.83
CA SER A 85 -8.81 -6.24 7.96
C SER A 85 -9.03 -7.68 7.47
N ALA A 86 -8.86 -8.66 8.38
CA ALA A 86 -8.95 -10.09 8.06
C ALA A 86 -10.33 -10.69 8.21
N ILE A 87 -10.59 -11.82 7.57
CA ILE A 87 -11.76 -12.62 7.93
C ILE A 87 -11.37 -14.08 8.01
N SER A 88 -12.20 -14.88 8.71
CA SER A 88 -12.00 -16.31 8.77
C SER A 88 -12.78 -17.01 7.68
N MET A 89 -12.20 -18.04 7.10
CA MET A 89 -12.93 -18.84 6.14
C MET A 89 -12.69 -20.32 6.45
N LEU A 90 -13.65 -21.16 6.09
CA LEU A 90 -13.52 -22.59 6.30
C LEU A 90 -13.42 -23.26 4.94
N MET A 91 -12.24 -23.77 4.61
CA MET A 91 -11.91 -24.25 3.26
C MET A 91 -11.58 -25.75 3.21
N LEU A 92 -11.59 -26.33 2.01
CA LEU A 92 -11.18 -27.74 1.80
C LEU A 92 -9.77 -27.91 1.20
N ASP A 93 -8.88 -28.55 1.96
CA ASP A 93 -7.48 -28.73 1.58
C ASP A 93 -7.33 -29.73 0.44
N GLU A 94 -6.08 -29.97 0.04
CA GLU A 94 -5.71 -31.03 -0.90
C GLU A 94 -6.75 -32.15 -0.97
N ASN A 95 -6.98 -32.85 0.14
CA ASN A 95 -7.86 -34.01 0.10
C ASN A 95 -9.05 -34.05 1.05
N GLU A 96 -9.85 -32.97 1.00
CA GLU A 96 -11.20 -32.89 1.60
C GLU A 96 -11.23 -32.60 3.10
N LYS A 97 -10.11 -32.22 3.67
CA LYS A 97 -10.06 -31.91 5.09
C LYS A 97 -10.47 -30.46 5.33
N VAL A 98 -11.61 -30.29 5.98
CA VAL A 98 -12.08 -28.98 6.39
C VAL A 98 -11.09 -28.35 7.36
N VAL A 99 -10.57 -27.18 6.99
CA VAL A 99 -9.58 -26.50 7.83
C VAL A 99 -9.89 -25.00 7.89
N LEU A 100 -9.66 -24.38 9.05
CA LEU A 100 -10.01 -22.99 9.28
C LEU A 100 -8.79 -22.11 9.28
N LYS A 101 -8.86 -21.06 8.48
CA LYS A 101 -7.73 -20.17 8.27
C LYS A 101 -8.17 -18.72 8.37
N ASN A 102 -7.25 -17.86 8.77
CA ASN A 102 -7.51 -16.42 8.73
C ASN A 102 -6.86 -15.85 7.51
N TYR A 103 -7.60 -15.02 6.80
CA TYR A 103 -7.14 -14.43 5.56
C TYR A 103 -6.89 -12.95 5.71
N GLN A 104 -5.63 -12.57 5.75
CA GLN A 104 -5.25 -11.17 5.85
C GLN A 104 -5.83 -10.33 4.72
N ASP A 105 -5.82 -9.01 4.91
CA ASP A 105 -6.13 -8.07 3.84
C ASP A 105 -7.33 -8.47 3.01
N MET A 106 -8.48 -8.69 3.62
CA MET A 106 -9.64 -9.10 2.82
C MET A 106 -10.76 -8.06 2.81
N VAL A 107 -10.84 -7.23 3.84
CA VAL A 107 -11.90 -6.23 3.93
C VAL A 107 -11.31 -4.83 3.97
N VAL A 108 -11.65 -4.01 2.99
CA VAL A 108 -11.16 -2.64 2.94
C VAL A 108 -11.81 -1.86 4.04
N GLU A 109 -10.96 -1.31 4.89
CA GLU A 109 -11.35 -0.57 6.06
C GLU A 109 -11.24 0.94 5.77
N GLY A 110 -10.18 1.35 5.06
CA GLY A 110 -10.03 2.72 4.59
C GLY A 110 -9.21 2.82 3.32
N CYS A 111 -9.41 3.90 2.56
CA CYS A 111 -8.75 4.11 1.28
C CYS A 111 -7.76 5.26 1.36
N GLY A 112 -6.88 5.38 0.36
CA GLY A 112 -5.87 6.43 0.31
C GLY A 112 -5.23 6.51 -1.05
N CYS A 113 -4.40 7.53 -1.29
CA CYS A 113 -3.71 7.68 -2.57
C CYS A 113 -2.28 7.21 -2.46
N ARG A 114 -1.88 6.34 -3.38
CA ARG A 114 -0.62 5.69 -3.33
C ARG A 114 0.06 5.76 -4.68
N LYS B 11 -2.07 -5.26 -23.27
CA LYS B 11 -1.59 -4.16 -22.36
C LYS B 11 -0.35 -4.63 -21.59
N SER B 12 0.59 -3.72 -21.32
CA SER B 12 1.76 -4.06 -20.53
C SER B 12 1.39 -4.09 -19.05
N SER B 13 2.03 -4.98 -18.28
CA SER B 13 1.57 -5.31 -16.93
C SER B 13 2.34 -4.62 -15.83
N CYS B 14 1.81 -4.70 -14.62
CA CYS B 14 2.28 -3.85 -13.54
C CYS B 14 3.74 -4.02 -13.18
N LYS B 15 4.54 -3.00 -13.44
CA LYS B 15 5.94 -3.02 -13.05
C LYS B 15 6.38 -1.61 -12.71
N ARG B 16 7.60 -1.48 -12.20
CA ARG B 16 8.22 -0.19 -11.93
C ARG B 16 8.83 0.44 -13.17
N HIS B 17 8.77 1.76 -13.24
CA HIS B 17 9.33 2.53 -14.33
C HIS B 17 10.24 3.62 -13.79
N PRO B 18 11.28 3.99 -14.55
CA PRO B 18 12.18 5.07 -14.16
C PRO B 18 11.47 6.41 -14.23
N LEU B 19 11.84 7.31 -13.30
CA LEU B 19 11.35 8.68 -13.28
C LEU B 19 12.29 9.55 -12.49
N TYR B 20 12.85 10.57 -13.13
CA TYR B 20 13.68 11.49 -12.40
C TYR B 20 12.84 12.72 -12.14
N VAL B 21 12.72 13.13 -10.89
CA VAL B 21 11.96 14.34 -10.63
C VAL B 21 12.86 15.48 -10.27
N ASP B 22 12.65 16.60 -10.95
CA ASP B 22 13.52 17.77 -10.84
C ASP B 22 12.78 18.81 -10.02
N PHE B 23 13.28 19.10 -8.84
CA PHE B 23 12.56 19.95 -7.90
C PHE B 23 12.33 21.31 -8.46
N SER B 24 13.24 21.77 -9.29
CA SER B 24 13.06 23.05 -9.89
C SER B 24 11.82 23.04 -10.78
N ASP B 25 11.54 21.92 -11.44
CA ASP B 25 10.37 21.82 -12.31
C ASP B 25 9.04 21.75 -11.58
N VAL B 26 8.98 21.12 -10.41
CA VAL B 26 7.69 21.02 -9.72
C VAL B 26 7.44 22.27 -8.91
N GLY B 27 8.40 23.18 -8.94
CA GLY B 27 8.26 24.47 -8.31
C GLY B 27 8.86 24.55 -6.92
N TRP B 28 9.63 23.56 -6.52
CA TRP B 28 10.01 23.44 -5.12
C TRP B 28 11.40 23.91 -4.76
N ASN B 29 12.19 24.24 -5.76
CA ASN B 29 13.58 24.62 -5.50
C ASN B 29 13.68 25.82 -4.56
N ASP B 30 12.60 26.59 -4.42
CA ASP B 30 12.67 27.76 -3.55
C ASP B 30 12.70 27.42 -2.07
N TRP B 31 12.31 26.21 -1.68
CA TRP B 31 12.42 25.78 -0.28
C TRP B 31 13.34 24.56 -0.11
N ILE B 32 13.65 23.87 -1.19
CA ILE B 32 14.57 22.75 -1.12
C ILE B 32 15.90 23.13 -1.76
N VAL B 33 16.98 23.11 -0.98
CA VAL B 33 18.29 23.54 -1.49
C VAL B 33 19.13 22.36 -2.01
N ALA B 34 18.99 21.20 -1.40
CA ALA B 34 19.66 20.00 -1.89
C ALA B 34 18.74 18.83 -1.66
N PRO B 35 18.72 17.85 -2.59
CA PRO B 35 19.39 17.80 -3.88
C PRO B 35 18.59 18.59 -4.90
N PRO B 36 19.11 18.75 -6.12
CA PRO B 36 18.37 19.46 -7.15
C PRO B 36 17.21 18.62 -7.68
N GLY B 37 17.23 17.32 -7.38
CA GLY B 37 16.18 16.39 -7.79
C GLY B 37 16.55 15.01 -7.31
N TYR B 38 15.80 14.00 -7.77
CA TYR B 38 16.14 12.62 -7.48
C TYR B 38 15.35 11.65 -8.34
N HIS B 39 15.83 10.42 -8.41
CA HIS B 39 15.15 9.39 -9.15
C HIS B 39 14.07 8.77 -8.29
N ALA B 40 12.82 9.14 -8.56
CA ALA B 40 11.73 8.63 -7.75
C ALA B 40 11.09 7.36 -8.28
N MET B 41 11.24 7.10 -9.58
CA MET B 41 10.56 5.97 -10.22
C MET B 41 9.04 6.05 -10.01
N TYR B 42 8.28 5.24 -10.73
CA TYR B 42 6.84 5.09 -10.48
C TYR B 42 6.39 3.71 -10.92
N CYS B 43 5.16 3.36 -10.59
CA CYS B 43 4.60 2.06 -10.91
C CYS B 43 3.53 2.26 -11.93
N HIS B 44 3.51 1.42 -12.96
CA HIS B 44 2.46 1.48 -13.94
C HIS B 44 2.29 0.16 -14.69
N GLY B 45 1.04 -0.17 -14.99
CA GLY B 45 0.75 -1.36 -15.78
C GLY B 45 -0.51 -2.01 -15.29
N GLU B 46 -1.03 -2.95 -16.06
CA GLU B 46 -2.28 -3.58 -15.74
C GLU B 46 -2.11 -4.68 -14.72
N CYS B 47 -3.04 -4.76 -13.78
CA CYS B 47 -3.18 -5.95 -12.97
C CYS B 47 -4.17 -6.90 -13.67
N PRO B 48 -3.69 -7.96 -14.33
CA PRO B 48 -4.56 -8.61 -15.30
C PRO B 48 -5.36 -9.79 -14.77
N PHE B 49 -6.21 -10.30 -15.66
CA PHE B 49 -6.91 -11.53 -15.44
C PHE B 49 -6.84 -12.31 -16.73
N PRO B 50 -6.44 -13.59 -16.69
CA PRO B 50 -6.10 -14.40 -15.53
C PRO B 50 -5.01 -13.70 -14.74
N LEU B 51 -4.97 -13.94 -13.43
CA LEU B 51 -3.91 -13.41 -12.60
C LEU B 51 -2.58 -13.87 -13.13
N ALA B 52 -1.56 -13.05 -12.91
CA ALA B 52 -0.23 -13.39 -13.37
C ALA B 52 0.62 -13.79 -12.19
N ASP B 53 1.15 -15.01 -12.21
CA ASP B 53 1.87 -15.53 -11.07
C ASP B 53 3.00 -14.64 -10.59
N HIS B 54 3.61 -13.87 -11.48
CA HIS B 54 4.80 -13.15 -11.07
C HIS B 54 4.53 -11.86 -10.30
N LEU B 55 3.30 -11.39 -10.32
CA LEU B 55 2.97 -10.12 -9.69
C LEU B 55 2.61 -10.36 -8.26
N ASN B 56 2.85 -9.39 -7.40
CA ASN B 56 2.45 -9.46 -6.02
C ASN B 56 1.09 -8.77 -5.74
N SER B 57 0.08 -9.54 -5.32
CA SER B 57 -1.25 -9.00 -5.05
C SER B 57 -1.73 -9.30 -3.67
N THR B 58 -2.29 -8.28 -3.06
CA THR B 58 -2.91 -8.35 -1.79
C THR B 58 -4.10 -9.29 -1.92
N ASN B 59 -4.47 -10.00 -0.84
CA ASN B 59 -5.68 -10.83 -0.91
C ASN B 59 -6.86 -10.08 -1.54
N HIS B 60 -7.24 -8.95 -0.97
CA HIS B 60 -8.31 -8.17 -1.54
C HIS B 60 -8.10 -7.86 -3.02
N ALA B 61 -6.87 -7.62 -3.46
CA ALA B 61 -6.68 -7.33 -4.87
C ALA B 61 -7.10 -8.51 -5.69
N ILE B 62 -6.72 -9.72 -5.29
CA ILE B 62 -7.13 -10.92 -5.99
C ILE B 62 -8.63 -11.02 -6.01
N VAL B 63 -9.28 -10.84 -4.87
CA VAL B 63 -10.74 -10.90 -4.92
C VAL B 63 -11.28 -9.87 -5.94
N GLN B 64 -10.78 -8.65 -5.89
CA GLN B 64 -11.31 -7.60 -6.76
C GLN B 64 -11.03 -7.88 -8.23
N THR B 65 -9.98 -8.63 -8.50
CA THR B 65 -9.69 -8.95 -9.87
C THR B 65 -10.76 -9.88 -10.38
N LEU B 66 -11.07 -10.92 -9.63
CA LEU B 66 -12.15 -11.81 -10.01
C LEU B 66 -13.49 -11.14 -10.21
N VAL B 67 -13.87 -10.23 -9.31
CA VAL B 67 -15.16 -9.55 -9.45
C VAL B 67 -15.20 -8.80 -10.75
N ASN B 68 -14.16 -8.02 -11.00
CA ASN B 68 -14.05 -7.22 -12.20
C ASN B 68 -14.24 -8.06 -13.43
N SER B 69 -13.78 -9.31 -13.37
CA SER B 69 -13.77 -10.18 -14.52
C SER B 69 -15.20 -10.50 -14.90
N VAL B 70 -16.12 -10.13 -14.03
CA VAL B 70 -17.51 -10.46 -14.20
C VAL B 70 -18.41 -9.23 -14.09
N ASN B 71 -17.93 -8.20 -13.44
CA ASN B 71 -18.73 -7.00 -13.27
C ASN B 71 -17.81 -5.85 -13.57
N SER B 72 -17.79 -5.41 -14.81
CA SER B 72 -16.71 -4.55 -15.23
C SER B 72 -16.88 -3.16 -14.67
N LYS B 73 -17.93 -2.94 -13.90
CA LYS B 73 -18.05 -1.64 -13.26
C LYS B 73 -17.25 -1.58 -11.94
N ILE B 74 -16.89 -2.72 -11.40
CA ILE B 74 -15.89 -2.73 -10.35
C ILE B 74 -14.54 -2.74 -11.06
N PRO B 75 -13.69 -1.74 -10.80
CA PRO B 75 -12.40 -1.59 -11.46
C PRO B 75 -11.44 -2.72 -11.14
N LYS B 76 -10.39 -2.86 -11.93
CA LYS B 76 -9.33 -3.78 -11.59
C LYS B 76 -8.54 -3.23 -10.43
N ALA B 77 -7.75 -4.09 -9.81
CA ALA B 77 -6.82 -3.67 -8.82
C ALA B 77 -5.92 -2.66 -9.54
N CYS B 78 -5.21 -1.87 -8.77
CA CYS B 78 -4.48 -0.77 -9.29
C CYS B 78 -3.01 -1.00 -9.01
N CYS B 79 -2.15 -0.71 -9.97
CA CYS B 79 -0.72 -0.97 -9.75
C CYS B 79 -0.05 0.20 -9.04
N VAL B 80 0.47 -0.04 -7.83
CA VAL B 80 1.01 1.04 -7.03
C VAL B 80 2.29 0.62 -6.32
N PRO B 81 3.01 1.58 -5.74
CA PRO B 81 4.27 1.27 -5.04
C PRO B 81 3.97 0.51 -3.80
N THR B 82 4.60 -0.64 -3.60
CA THR B 82 4.35 -1.41 -2.40
C THR B 82 5.58 -1.43 -1.46
N GLU B 83 6.73 -1.04 -1.97
CA GLU B 83 7.91 -0.84 -1.15
C GLU B 83 8.54 0.45 -1.54
N LEU B 84 8.73 1.31 -0.55
CA LEU B 84 9.31 2.61 -0.74
C LEU B 84 10.45 2.79 0.22
N SER B 85 11.38 3.68 -0.12
CA SER B 85 12.47 4.04 0.79
C SER B 85 12.57 5.55 0.92
N ALA B 86 13.28 6.01 1.95
CA ALA B 86 13.34 7.43 2.35
C ALA B 86 14.50 8.18 1.71
N ILE B 87 14.48 9.51 1.72
CA ILE B 87 15.68 10.25 1.41
C ILE B 87 15.89 11.42 2.33
N SER B 88 17.07 12.02 2.20
CA SER B 88 17.43 13.21 2.92
C SER B 88 17.38 14.42 2.00
N MET B 89 16.77 15.50 2.49
CA MET B 89 16.77 16.76 1.78
C MET B 89 17.14 17.88 2.74
N LEU B 90 17.77 18.92 2.20
CA LEU B 90 18.14 20.07 2.98
C LEU B 90 17.14 21.11 2.57
N MET B 91 16.24 21.45 3.48
CA MET B 91 15.17 22.38 3.20
C MET B 91 15.41 23.72 3.89
N LEU B 92 14.35 24.50 4.04
CA LEU B 92 14.47 25.89 4.39
C LEU B 92 13.17 26.36 5.05
N ASP B 93 13.24 26.64 6.34
CA ASP B 93 12.03 26.91 7.12
C ASP B 93 11.50 28.35 6.97
N GLU B 94 10.43 28.65 7.68
CA GLU B 94 9.79 29.95 7.60
C GLU B 94 10.73 31.09 7.93
N ASN B 95 11.93 30.78 8.44
CA ASN B 95 12.87 31.83 8.81
C ASN B 95 14.15 31.78 8.00
N GLU B 96 14.15 30.96 6.95
CA GLU B 96 15.34 30.79 6.14
C GLU B 96 16.40 29.93 6.85
N LYS B 97 16.04 29.33 7.98
CA LYS B 97 16.98 28.44 8.65
C LYS B 97 17.13 27.20 7.80
N VAL B 98 18.31 26.61 7.86
CA VAL B 98 18.62 25.50 7.01
C VAL B 98 18.57 24.20 7.79
N VAL B 99 17.54 23.41 7.51
CA VAL B 99 17.28 22.18 8.23
C VAL B 99 17.44 20.97 7.31
N LEU B 100 18.03 19.91 7.84
CA LEU B 100 18.15 18.66 7.13
C LEU B 100 17.17 17.65 7.69
N LYS B 101 16.29 17.17 6.83
CA LYS B 101 15.20 16.30 7.23
C LYS B 101 15.22 15.03 6.41
N ASN B 102 14.65 13.97 7.00
CA ASN B 102 14.39 12.75 6.28
C ASN B 102 12.92 12.69 5.93
N TYR B 103 12.66 12.31 4.68
CA TYR B 103 11.33 12.19 4.14
C TYR B 103 11.09 10.73 3.82
N GLN B 104 10.11 10.14 4.47
CA GLN B 104 9.76 8.75 4.25
C GLN B 104 9.10 8.56 2.89
N ASP B 105 8.95 7.32 2.46
CA ASP B 105 8.08 7.01 1.32
C ASP B 105 8.34 7.85 0.09
N MET B 106 9.59 8.08 -0.29
CA MET B 106 9.87 8.96 -1.44
C MET B 106 10.41 8.25 -2.67
N VAL B 107 11.06 7.10 -2.49
CA VAL B 107 11.60 6.35 -3.63
C VAL B 107 10.94 5.00 -3.79
N VAL B 108 10.44 4.69 -4.98
CA VAL B 108 9.82 3.39 -5.21
C VAL B 108 10.82 2.27 -5.39
N GLU B 109 10.92 1.40 -4.40
CA GLU B 109 11.69 0.19 -4.53
C GLU B 109 10.94 -0.92 -5.26
N GLY B 110 9.64 -1.06 -5.06
CA GLY B 110 8.89 -2.13 -5.70
C GLY B 110 7.41 -1.85 -5.84
N CYS B 111 6.79 -2.48 -6.84
CA CYS B 111 5.40 -2.24 -7.15
C CYS B 111 4.60 -3.48 -6.91
N GLY B 112 3.27 -3.34 -6.84
CA GLY B 112 2.38 -4.47 -6.70
C GLY B 112 0.93 -4.10 -7.02
N CYS B 113 0.04 -5.09 -7.07
CA CYS B 113 -1.37 -4.82 -7.27
C CYS B 113 -2.07 -4.74 -5.91
N ARG B 114 -2.78 -3.63 -5.69
CA ARG B 114 -3.49 -3.36 -4.45
C ARG B 114 -4.95 -2.95 -4.72
N TRP C 1 -2.13 -21.18 -3.80
CA TRP C 1 -3.47 -21.32 -4.42
C TRP C 1 -4.41 -20.10 -4.23
N LEU C 2 -4.64 -19.38 -5.32
CA LEU C 2 -5.42 -18.11 -5.37
C LEU C 2 -5.36 -17.18 -4.15
N ILE C 3 -6.09 -17.48 -3.08
CA ILE C 3 -6.07 -16.64 -1.89
C ILE C 3 -5.26 -17.30 -0.77
N THR C 4 -4.45 -16.51 -0.05
CA THR C 4 -3.49 -17.00 0.97
C THR C 4 -3.92 -16.92 2.46
N GLY C 5 -3.77 -18.05 3.15
CA GLY C 5 -4.24 -18.16 4.53
C GLY C 5 -3.29 -18.80 5.52
N THR C 6 -3.52 -18.49 6.79
CA THR C 6 -2.78 -19.02 7.93
C THR C 6 -3.78 -19.74 8.77
N GLU C 7 -3.49 -20.95 9.19
CA GLU C 7 -4.52 -21.66 9.95
C GLU C 7 -4.63 -21.19 11.37
N ALA C 8 -5.88 -21.09 11.82
CA ALA C 8 -6.23 -20.45 13.06
C ALA C 8 -5.83 -21.28 14.27
N SER C 9 -5.38 -20.57 15.30
CA SER C 9 -5.11 -21.22 16.58
C SER C 9 -6.23 -20.92 17.55
N CYS C 10 -6.18 -21.58 18.70
CA CYS C 10 -7.13 -21.35 19.78
C CYS C 10 -6.56 -21.90 21.07
N GLU C 11 -7.17 -21.53 22.19
CA GLU C 11 -6.49 -21.65 23.48
C GLU C 11 -6.99 -22.77 24.39
N ASN C 12 -8.31 -22.89 24.53
CA ASN C 12 -8.89 -23.89 25.43
C ASN C 12 -9.10 -25.30 24.88
N GLU C 13 -8.13 -26.16 25.17
CA GLU C 13 -8.21 -27.56 24.77
C GLU C 13 -9.57 -28.19 24.95
N GLY C 14 -10.03 -28.86 23.90
CA GLY C 14 -11.17 -29.71 24.03
C GLY C 14 -12.50 -29.05 24.28
N GLU C 15 -12.62 -27.73 24.12
CA GLU C 15 -13.97 -27.16 24.25
C GLU C 15 -14.55 -26.51 23.00
N VAL C 16 -15.88 -26.39 22.97
CA VAL C 16 -16.58 -25.93 21.78
C VAL C 16 -16.16 -24.51 21.45
N LEU C 17 -16.05 -24.23 20.16
CA LEU C 17 -15.53 -22.97 19.67
C LEU C 17 -16.58 -22.27 18.85
N HIS C 18 -16.84 -21.01 19.18
CA HIS C 18 -17.80 -20.23 18.39
C HIS C 18 -17.13 -19.13 17.60
N ILE C 19 -17.06 -19.30 16.29
CA ILE C 19 -16.39 -18.37 15.39
C ILE C 19 -17.46 -17.54 14.72
N PRO C 20 -17.59 -16.27 15.08
CA PRO C 20 -18.53 -15.42 14.35
C PRO C 20 -18.43 -15.62 12.85
N ASN C 21 -19.57 -15.87 12.20
CA ASN C 21 -19.66 -15.92 10.75
C ASN C 21 -19.37 -17.27 10.13
N ILE C 22 -18.81 -18.16 10.92
CA ILE C 22 -18.52 -19.51 10.47
C ILE C 22 -19.46 -20.49 11.17
N THR C 23 -19.43 -20.42 12.49
CA THR C 23 -19.91 -21.50 13.30
C THR C 23 -21.39 -21.33 13.65
N ASP C 24 -21.96 -20.21 13.19
CA ASP C 24 -23.36 -19.93 13.43
C ASP C 24 -24.27 -20.61 12.42
N ASN C 25 -23.72 -21.15 11.35
CA ASN C 25 -24.52 -21.98 10.48
C ASN C 25 -24.77 -23.25 11.24
N PRO C 26 -26.04 -23.69 11.36
CA PRO C 26 -26.28 -24.86 12.20
C PRO C 26 -25.46 -26.11 11.84
N CYS C 27 -24.98 -26.23 10.60
CA CYS C 27 -24.31 -27.49 10.22
C CYS C 27 -22.81 -27.53 10.41
N ILE C 28 -22.27 -26.47 11.01
CA ILE C 28 -20.84 -26.28 11.14
C ILE C 28 -20.52 -26.10 12.61
N SER C 29 -19.60 -26.90 13.12
CA SER C 29 -19.18 -26.78 14.51
C SER C 29 -17.68 -27.00 14.65
N CYS C 30 -17.08 -26.33 15.62
CA CYS C 30 -15.66 -26.44 15.83
C CYS C 30 -15.34 -26.78 17.27
N VAL C 31 -14.16 -27.31 17.47
CA VAL C 31 -13.74 -27.62 18.79
C VAL C 31 -12.24 -27.39 18.82
N CYS C 32 -11.75 -26.78 19.88
CA CYS C 32 -10.33 -26.47 19.97
C CYS C 32 -9.58 -27.67 20.46
N LEU C 33 -8.75 -28.24 19.61
CA LEU C 33 -7.94 -29.33 20.08
C LEU C 33 -6.55 -29.37 19.40
N ASN C 34 -5.53 -29.43 20.25
CA ASN C 34 -4.17 -29.26 19.81
C ASN C 34 -3.90 -27.83 19.43
N GLN C 35 -4.44 -26.90 20.23
CA GLN C 35 -4.15 -25.50 20.04
C GLN C 35 -4.70 -25.00 18.71
N LYS C 36 -5.41 -25.84 17.97
CA LYS C 36 -6.00 -25.40 16.70
C LYS C 36 -7.46 -25.81 16.57
N ALA C 37 -8.13 -25.29 15.55
CA ALA C 37 -9.58 -25.40 15.40
C ALA C 37 -9.97 -26.54 14.50
N GLU C 38 -10.54 -27.62 15.02
CA GLU C 38 -11.05 -28.66 14.15
C GLU C 38 -12.56 -28.51 13.98
N CYS C 39 -13.00 -28.37 12.73
CA CYS C 39 -14.40 -28.20 12.49
C CYS C 39 -14.97 -29.30 11.64
N LYS C 40 -16.28 -29.50 11.72
CA LYS C 40 -16.93 -30.54 10.97
C LYS C 40 -18.13 -29.93 10.29
N GLN C 41 -18.57 -30.57 9.22
CA GLN C 41 -19.76 -30.14 8.55
C GLN C 41 -20.67 -31.32 8.66
N GLU C 42 -21.76 -31.24 9.43
CA GLU C 42 -22.54 -32.47 9.61
C GLU C 42 -23.31 -32.80 8.35
N LYS C 43 -23.54 -34.09 8.13
CA LYS C 43 -24.28 -34.55 6.98
C LYS C 43 -25.64 -35.11 7.42
N CYS C 44 -26.58 -35.07 6.50
CA CYS C 44 -27.96 -35.37 6.82
C CYS C 44 -28.41 -36.66 6.20
N ALA C 45 -29.37 -37.31 6.83
CA ALA C 45 -29.98 -38.46 6.19
C ALA C 45 -30.73 -37.97 4.95
N PRO C 46 -30.61 -38.72 3.84
CA PRO C 46 -31.65 -38.64 2.80
C PRO C 46 -32.98 -38.97 3.46
N LEU C 47 -34.09 -38.54 2.88
CA LEU C 47 -35.36 -38.71 3.58
C LEU C 47 -36.47 -39.29 2.74
N ALA C 48 -37.54 -39.75 3.40
CA ALA C 48 -38.64 -40.45 2.72
C ALA C 48 -38.93 -39.84 1.36
N GLU C 49 -38.80 -40.65 0.33
CA GLU C 49 -38.81 -40.16 -1.06
C GLU C 49 -40.19 -39.69 -1.52
N ASP C 50 -41.07 -39.40 -0.56
CA ASP C 50 -42.41 -38.96 -0.88
C ASP C 50 -42.83 -37.78 -0.01
N CYS C 51 -41.87 -37.24 0.74
CA CYS C 51 -42.08 -36.05 1.54
C CYS C 51 -42.42 -34.87 0.66
N ALA C 52 -43.41 -34.08 1.09
CA ALA C 52 -43.83 -32.92 0.32
C ALA C 52 -43.52 -31.62 1.05
N LEU C 53 -43.21 -31.71 2.33
CA LEU C 53 -42.96 -30.54 3.17
C LEU C 53 -41.88 -30.91 4.13
N VAL C 54 -41.03 -29.96 4.45
CA VAL C 54 -39.84 -30.24 5.19
C VAL C 54 -39.65 -29.07 6.14
N VAL C 55 -39.19 -29.33 7.35
CA VAL C 55 -38.94 -28.28 8.32
C VAL C 55 -37.66 -28.64 9.08
N LYS C 56 -36.86 -27.65 9.48
CA LYS C 56 -35.82 -27.92 10.48
C LYS C 56 -36.01 -27.21 11.82
N GLN C 57 -35.76 -27.95 12.90
CA GLN C 57 -35.84 -27.43 14.27
C GLN C 57 -34.92 -26.25 14.48
N THR C 58 -35.32 -25.34 15.35
CA THR C 58 -34.47 -24.19 15.60
C THR C 58 -33.10 -24.71 16.03
N GLY C 59 -32.06 -24.21 15.36
CA GLY C 59 -30.69 -24.64 15.67
C GLY C 59 -30.31 -25.98 15.07
N ALA C 60 -31.28 -26.71 14.53
CA ALA C 60 -30.97 -27.99 13.93
C ALA C 60 -30.45 -27.80 12.53
N CYS C 61 -29.71 -28.80 12.08
CA CYS C 61 -29.00 -28.74 10.83
C CYS C 61 -29.78 -29.47 9.74
N CYS C 62 -30.20 -30.68 10.05
CA CYS C 62 -30.92 -31.48 9.09
C CYS C 62 -32.41 -31.22 9.16
N GLU C 63 -33.02 -31.11 7.97
CA GLU C 63 -34.45 -30.95 7.85
C GLU C 63 -35.10 -32.30 8.03
N LYS C 64 -36.37 -32.29 8.38
CA LYS C 64 -37.13 -33.51 8.53
C LYS C 64 -38.52 -33.30 7.90
N CYS C 65 -39.23 -34.37 7.54
CA CYS C 65 -40.62 -34.22 7.10
C CYS C 65 -41.52 -33.61 8.15
N LYS C 66 -42.11 -32.47 7.82
CA LYS C 66 -43.26 -31.97 8.55
C LYS C 66 -44.37 -32.93 8.11
N GLY C 67 -44.46 -33.14 6.79
CA GLY C 67 -45.38 -34.08 6.16
C GLY C 67 -45.29 -34.11 4.63
N TRP D 1 4.44 20.82 5.49
CA TRP D 1 4.67 21.55 4.21
C TRP D 1 3.68 21.10 3.15
N LEU D 2 4.20 20.60 2.02
CA LEU D 2 3.39 19.86 1.07
C LEU D 2 3.80 18.41 1.19
N ILE D 3 5.10 18.21 1.33
CA ILE D 3 5.67 16.91 1.56
C ILE D 3 6.14 16.91 3.03
N THR D 4 6.09 15.76 3.72
CA THR D 4 6.40 15.70 5.17
C THR D 4 7.73 15.04 5.55
N GLY D 5 8.58 15.80 6.23
CA GLY D 5 9.81 15.23 6.74
C GLY D 5 9.96 15.34 8.24
N THR D 6 11.08 14.85 8.76
CA THR D 6 11.40 15.04 10.16
C THR D 6 12.88 15.31 10.25
N GLU D 7 13.28 16.08 11.27
CA GLU D 7 14.67 16.48 11.44
C GLU D 7 15.60 15.30 11.70
N ALA D 8 16.74 15.28 11.02
CA ALA D 8 17.68 14.18 11.14
C ALA D 8 18.46 14.31 12.44
N SER D 9 19.11 13.24 12.87
CA SER D 9 19.91 13.31 14.06
C SER D 9 21.26 12.66 13.85
N CYS D 10 22.23 13.01 14.68
CA CYS D 10 23.54 12.40 14.61
C CYS D 10 24.07 12.19 16.01
N GLU D 11 25.14 11.43 16.11
CA GLU D 11 25.60 10.88 17.37
C GLU D 11 26.62 11.76 18.07
N ASN D 12 27.70 12.03 17.37
CA ASN D 12 28.90 12.54 18.00
C ASN D 12 29.11 14.02 17.79
N GLU D 13 29.33 14.72 18.91
CA GLU D 13 29.42 16.15 18.90
C GLU D 13 30.62 16.63 18.08
N GLY D 14 30.35 17.49 17.11
CA GLY D 14 31.39 18.11 16.28
C GLY D 14 31.91 17.23 15.16
N GLU D 15 31.13 16.24 14.76
CA GLU D 15 31.59 15.37 13.70
C GLU D 15 31.18 15.93 12.35
N VAL D 16 32.15 16.06 11.45
CA VAL D 16 31.90 16.42 10.06
C VAL D 16 31.02 15.39 9.39
N LEU D 17 29.82 15.77 9.00
CA LEU D 17 28.90 14.82 8.40
C LEU D 17 29.07 14.70 6.89
N HIS D 18 29.15 13.46 6.40
CA HIS D 18 29.12 13.23 4.96
C HIS D 18 27.81 12.57 4.58
N ILE D 19 26.91 13.34 4.00
CA ILE D 19 25.55 12.87 3.69
C ILE D 19 25.36 12.70 2.20
N PRO D 20 25.01 11.48 1.77
CA PRO D 20 25.01 11.30 0.32
C PRO D 20 23.97 12.20 -0.36
N ASN D 21 24.43 12.91 -1.39
CA ASN D 21 23.61 13.77 -2.26
C ASN D 21 23.35 15.18 -1.75
N ILE D 22 23.70 15.42 -0.50
CA ILE D 22 23.70 16.75 0.06
C ILE D 22 25.12 17.28 0.09
N THR D 23 25.92 16.57 0.86
CA THR D 23 27.26 16.96 1.24
C THR D 23 28.30 16.90 0.11
N ASP D 24 27.97 16.21 -0.97
CA ASP D 24 28.92 16.04 -2.05
C ASP D 24 29.03 17.31 -2.90
N ASN D 25 28.17 18.28 -2.62
CA ASN D 25 28.27 19.60 -3.20
C ASN D 25 29.28 20.40 -2.41
N PRO D 26 30.37 20.79 -3.08
CA PRO D 26 31.51 21.43 -2.44
C PRO D 26 31.11 22.64 -1.60
N CYS D 27 29.90 23.13 -1.80
CA CYS D 27 29.43 24.36 -1.18
C CYS D 27 28.57 24.12 0.04
N ILE D 28 28.26 22.86 0.30
CA ILE D 28 27.43 22.53 1.44
C ILE D 28 28.25 21.67 2.36
N SER D 29 28.10 21.92 3.65
CA SER D 29 28.78 21.15 4.65
C SER D 29 27.95 21.09 5.93
N CYS D 30 28.09 19.99 6.68
CA CYS D 30 27.28 19.77 7.86
C CYS D 30 28.15 19.29 8.96
N VAL D 31 27.70 19.54 10.18
CA VAL D 31 28.41 19.11 11.35
C VAL D 31 27.35 18.71 12.35
N CYS D 32 27.72 17.81 13.25
CA CYS D 32 26.79 17.40 14.27
C CYS D 32 26.85 18.33 15.45
N LEU D 33 25.71 18.89 15.83
CA LEU D 33 25.63 19.63 17.09
C LEU D 33 24.21 19.66 17.68
N ASN D 34 24.11 19.31 18.96
CA ASN D 34 22.84 19.12 19.66
C ASN D 34 22.11 17.92 19.09
N GLN D 35 22.85 16.85 18.82
CA GLN D 35 22.27 15.65 18.21
C GLN D 35 21.57 15.97 16.90
N LYS D 36 21.91 17.11 16.29
CA LYS D 36 21.28 17.52 15.05
C LYS D 36 22.33 17.94 14.04
N ALA D 37 22.19 17.48 12.80
CA ALA D 37 23.10 17.85 11.74
C ALA D 37 22.77 19.24 11.26
N GLU D 38 23.63 20.21 11.58
CA GLU D 38 23.46 21.58 11.11
C GLU D 38 24.27 21.83 9.86
N CYS D 39 23.61 22.29 8.80
CA CYS D 39 24.34 22.53 7.57
C CYS D 39 24.43 23.99 7.17
N LYS D 40 25.50 24.31 6.46
CA LYS D 40 25.74 25.67 6.04
C LYS D 40 26.03 25.67 4.55
N GLN D 41 25.63 26.74 3.88
CA GLN D 41 25.84 26.84 2.46
C GLN D 41 26.77 27.99 2.24
N GLU D 42 27.99 27.75 1.77
CA GLU D 42 28.93 28.88 1.72
C GLU D 42 28.57 29.85 0.61
N LYS D 43 28.82 31.15 0.84
CA LYS D 43 28.55 32.13 -0.23
C LYS D 43 29.86 32.63 -0.82
N CYS D 44 29.84 32.95 -2.11
CA CYS D 44 31.07 33.30 -2.80
C CYS D 44 31.13 34.78 -3.04
N ALA D 45 32.31 35.36 -2.87
CA ALA D 45 32.47 36.79 -3.11
C ALA D 45 32.17 37.15 -4.56
N PRO D 46 31.33 38.19 -4.77
CA PRO D 46 31.14 38.77 -6.12
C PRO D 46 32.49 38.95 -6.78
N LEU D 47 32.60 38.73 -8.07
CA LEU D 47 33.91 38.89 -8.69
C LEU D 47 33.99 40.10 -9.63
N ALA D 48 35.22 40.40 -10.06
CA ALA D 48 35.46 41.59 -10.88
C ALA D 48 34.39 41.68 -11.96
N GLU D 49 33.82 42.86 -12.12
CA GLU D 49 32.72 43.10 -13.05
C GLU D 49 33.23 43.17 -14.51
N ASP D 50 34.53 43.06 -14.69
CA ASP D 50 35.14 43.13 -16.02
C ASP D 50 35.75 41.78 -16.43
N CYS D 51 35.36 40.74 -15.71
CA CYS D 51 35.90 39.41 -15.89
C CYS D 51 35.28 38.73 -17.10
N ALA D 52 36.07 37.97 -17.85
CA ALA D 52 35.54 37.29 -19.04
C ALA D 52 35.64 35.77 -18.98
N LEU D 53 36.35 35.25 -17.98
CA LEU D 53 36.55 33.82 -17.85
C LEU D 53 36.74 33.48 -16.39
N VAL D 54 35.86 32.66 -15.85
CA VAL D 54 35.99 32.20 -14.47
C VAL D 54 36.54 30.79 -14.44
N VAL D 55 37.00 30.35 -13.27
CA VAL D 55 37.42 28.96 -13.08
C VAL D 55 37.26 28.45 -11.65
N LYS D 56 37.00 27.16 -11.51
CA LYS D 56 36.97 26.52 -10.19
C LYS D 56 38.07 25.47 -10.01
N GLN D 57 38.91 25.66 -8.98
CA GLN D 57 39.90 24.66 -8.58
C GLN D 57 39.24 23.30 -8.37
N THR D 58 39.92 22.21 -8.73
CA THR D 58 39.25 20.90 -8.67
C THR D 58 38.58 20.79 -7.30
N GLY D 59 37.30 20.43 -7.30
CA GLY D 59 36.51 20.37 -6.07
C GLY D 59 36.46 21.59 -5.14
N ALA D 60 36.75 22.79 -5.64
CA ALA D 60 36.54 23.97 -4.80
C ALA D 60 35.14 24.51 -5.02
N CYS D 61 34.64 25.36 -4.13
CA CYS D 61 33.22 25.74 -4.26
C CYS D 61 32.99 26.98 -5.13
N CYS D 62 33.79 28.02 -4.92
CA CYS D 62 33.61 29.30 -5.59
C CYS D 62 34.47 29.46 -6.84
N GLU D 63 33.88 30.03 -7.89
CA GLU D 63 34.66 30.41 -9.05
C GLU D 63 35.49 31.67 -8.82
N LYS D 64 36.68 31.69 -9.39
CA LYS D 64 37.54 32.87 -9.39
C LYS D 64 37.77 33.28 -10.84
N CYS D 65 38.12 34.55 -11.06
CA CYS D 65 38.38 35.03 -12.40
C CYS D 65 39.72 34.51 -12.91
N LYS D 66 39.72 33.89 -14.08
CA LYS D 66 40.95 33.40 -14.68
C LYS D 66 41.42 34.37 -15.76
N GLY D 67 40.55 35.29 -16.13
CA GLY D 67 40.88 36.30 -17.14
C GLY D 67 39.68 37.07 -17.69
#